data_6ZUI
#
_entry.id   6ZUI
#
_cell.length_a   90.232
_cell.length_b   95.437
_cell.length_c   106.246
_cell.angle_alpha   90.000
_cell.angle_beta   90.000
_cell.angle_gamma   90.000
#
_symmetry.space_group_name_H-M   'C 2 2 21'
#
loop_
_entity.id
_entity.type
_entity.pdbx_description
1 polymer 'HTH-type transcriptional repressor NemR,Green fluorescent protein,Green fluorescent protein,HTH-type transcriptional repressor NemR'
2 water water
#
_entity_poly.entity_id   1
_entity_poly.type   'polypeptide(L)'
_entity_poly.pdbx_seq_one_letter_code
;MNKHTEHDTREHLLATGEQLSLQRGFTGMGLSELLKTAEVPKGSFYHYFRSKEAFGVAMLERHYAAYHQRLTELLQSGEG
NYRDRILAYYQQTLNQFSQHGTSAGYNSDNVYIMADKQKNGIKANFKIRHNVEDGSVQLADHYQQNTPIGDGPVLLPDNH
YLSFQSVLSKDPNEKRDHMVLLEFVTAAGITLGMDELYNVDGGSGGTGSKGEELFTGVVPILVELDGDVNGHKFSVSGEG
EGDATYGKLTLKLICTTGKLPVPWPTLVTTL(CR2)LKCFARYPDHMKQHDFFKSAMPEGYVQERTIFFKDDGNYKTRAE
VKFEGDTLVNRIELKGIGFKEDGNILGHKLEYNGTGSLTVKLSAEVSDLSEDMRSAMDKGARGVIALLSQALENGRENHS
LTFSGEPLQQAQVLYALWLGANLQAKISRSFEPLENALAHVKNIIATPAV
;
_entity_poly.pdbx_strand_id   A
#
# COMPACT_ATOMS: atom_id res chain seq x y z
N ASP A 8 -21.22 16.20 7.36
CA ASP A 8 -22.32 15.43 7.93
C ASP A 8 -21.91 14.74 9.22
N THR A 9 -22.61 15.06 10.32
CA THR A 9 -22.22 14.54 11.63
C THR A 9 -22.33 13.01 11.68
N ARG A 10 -23.42 12.46 11.15
CA ARG A 10 -23.62 11.02 11.25
C ARG A 10 -22.57 10.27 10.45
N GLU A 11 -22.28 10.73 9.23
CA GLU A 11 -21.22 10.11 8.44
C GLU A 11 -19.87 10.23 9.14
N HIS A 12 -19.60 11.36 9.79
CA HIS A 12 -18.31 11.56 10.42
C HIS A 12 -18.07 10.53 11.51
N LEU A 13 -19.08 10.27 12.33
CA LEU A 13 -18.96 9.28 13.39
C LEU A 13 -18.72 7.89 12.82
N LEU A 14 -19.53 7.48 11.84
CA LEU A 14 -19.35 6.17 11.25
C LEU A 14 -17.98 6.04 10.63
N ALA A 15 -17.52 7.08 9.93
CA ALA A 15 -16.17 7.06 9.37
C ALA A 15 -15.15 6.90 10.49
N THR A 16 -15.29 7.71 11.56
CA THR A 16 -14.36 7.61 12.69
C THR A 16 -14.41 6.23 13.32
N GLY A 17 -15.61 5.73 13.60
CA GLY A 17 -15.72 4.42 14.23
C GLY A 17 -15.17 3.28 13.39
N GLU A 18 -15.25 3.41 12.07
CA GLU A 18 -14.63 2.40 11.20
C GLU A 18 -13.12 2.35 11.39
N GLN A 19 -12.46 3.52 11.29
CA GLN A 19 -11.02 3.59 11.50
C GLN A 19 -10.65 3.06 12.88
N LEU A 20 -11.44 3.42 13.89
CA LEU A 20 -11.16 2.95 15.24
C LEU A 20 -11.25 1.43 15.32
N SER A 21 -12.32 0.86 14.76
CA SER A 21 -12.45 -0.59 14.71
C SER A 21 -11.35 -1.21 13.85
N LEU A 22 -10.99 -0.58 12.74
CA LEU A 22 -9.88 -1.05 11.92
C LEU A 22 -8.62 -1.29 12.75
N GLN A 23 -8.45 -0.55 13.84
CA GLN A 23 -7.25 -0.62 14.67
C GLN A 23 -7.50 -1.30 16.00
N ARG A 24 -8.57 -0.91 16.71
CA ARG A 24 -8.91 -1.46 18.02
C ARG A 24 -9.73 -2.73 17.93
N GLY A 25 -10.48 -2.92 16.84
CA GLY A 25 -11.60 -3.84 16.82
C GLY A 25 -12.88 -3.17 17.29
N PHE A 26 -14.01 -3.83 17.04
CA PHE A 26 -15.28 -3.19 17.38
C PHE A 26 -15.58 -3.30 18.86
N THR A 27 -15.50 -4.52 19.41
CA THR A 27 -15.87 -4.71 20.80
C THR A 27 -14.97 -3.92 21.73
N GLY A 28 -13.74 -3.63 21.30
CA GLY A 28 -12.80 -2.85 22.06
C GLY A 28 -12.89 -1.35 21.87
N MET A 29 -13.62 -0.91 20.85
CA MET A 29 -13.83 0.52 20.63
C MET A 29 -14.79 1.06 21.69
N GLY A 30 -14.32 2.02 22.51
CA GLY A 30 -15.15 2.65 23.51
C GLY A 30 -15.87 3.86 22.95
N LEU A 31 -17.03 4.19 23.53
CA LEU A 31 -17.82 5.27 22.96
C LEU A 31 -17.19 6.64 23.22
N SER A 32 -16.64 6.83 24.42
CA SER A 32 -15.95 8.08 24.70
C SER A 32 -14.73 8.24 23.79
N GLU A 33 -13.99 7.15 23.55
CA GLU A 33 -12.85 7.25 22.64
C GLU A 33 -13.28 7.60 21.23
N LEU A 34 -14.51 7.19 20.84
CA LEU A 34 -15.05 7.48 19.52
C LEU A 34 -15.45 8.95 19.40
N LEU A 35 -16.16 9.48 20.40
CA LEU A 35 -16.50 10.90 20.35
C LEU A 35 -15.27 11.79 20.50
N LYS A 36 -14.26 11.35 21.24
CA LYS A 36 -13.02 12.13 21.32
C LYS A 36 -12.37 12.26 19.95
N THR A 37 -12.04 11.12 19.33
CA THR A 37 -11.36 11.17 18.04
C THR A 37 -12.22 11.84 16.97
N ALA A 38 -13.54 11.65 17.04
CA ALA A 38 -14.44 12.30 16.08
C ALA A 38 -14.70 13.76 16.40
N GLU A 39 -14.46 14.19 17.66
CA GLU A 39 -14.67 15.57 18.10
C GLU A 39 -16.16 15.95 17.99
N VAL A 40 -17.00 15.14 18.64
CA VAL A 40 -18.45 15.33 18.62
C VAL A 40 -18.98 15.30 20.07
N SER A 44 -22.51 13.14 23.88
CA SER A 44 -23.37 13.29 22.70
C SER A 44 -23.98 11.95 22.26
N PHE A 45 -23.55 11.50 21.07
CA PHE A 45 -23.77 10.18 20.45
C PHE A 45 -25.22 9.71 20.35
N TYR A 46 -25.92 9.57 21.49
CA TYR A 46 -27.28 9.07 21.37
C TYR A 46 -28.18 10.04 20.62
N HIS A 47 -27.70 11.28 20.43
CA HIS A 47 -28.31 12.19 19.46
C HIS A 47 -28.56 11.47 18.14
N TYR A 48 -27.61 10.65 17.71
CA TYR A 48 -27.62 10.09 16.37
C TYR A 48 -27.79 8.58 16.28
N PHE A 49 -27.48 7.83 17.35
CA PHE A 49 -27.60 6.38 17.29
C PHE A 49 -28.26 5.85 18.57
N ARG A 50 -29.10 4.82 18.41
CA ARG A 50 -29.79 4.24 19.56
C ARG A 50 -28.83 3.65 20.57
N SER A 51 -27.66 3.19 20.12
CA SER A 51 -26.76 2.39 20.95
C SER A 51 -25.48 2.15 20.18
N LYS A 52 -24.50 1.57 20.88
CA LYS A 52 -23.28 1.17 20.19
C LYS A 52 -23.55 0.03 19.21
N GLU A 53 -24.50 -0.84 19.57
CA GLU A 53 -24.83 -1.98 18.72
C GLU A 53 -25.46 -1.52 17.41
N ALA A 54 -26.39 -0.57 17.49
CA ALA A 54 -26.98 0.02 16.28
C ALA A 54 -25.95 0.79 15.49
N PHE A 55 -25.08 1.55 16.17
CA PHE A 55 -23.97 2.18 15.48
C PHE A 55 -23.15 1.16 14.71
N GLY A 56 -22.87 0.00 15.32
CA GLY A 56 -22.05 -1.00 14.66
C GLY A 56 -22.73 -1.58 13.43
N VAL A 57 -24.04 -1.82 13.52
CA VAL A 57 -24.77 -2.28 12.35
C VAL A 57 -24.67 -1.25 11.24
N ALA A 58 -24.89 0.03 11.57
CA ALA A 58 -24.81 1.08 10.57
C ALA A 58 -23.40 1.19 9.99
N MET A 59 -22.37 1.05 10.84
CA MET A 59 -21.00 1.11 10.35
C MET A 59 -20.73 -0.03 9.39
N LEU A 60 -21.24 -1.22 9.71
CA LEU A 60 -21.08 -2.39 8.86
C LEU A 60 -21.78 -2.20 7.53
N GLU A 61 -23.07 -1.84 7.56
CA GLU A 61 -23.81 -1.61 6.32
C GLU A 61 -23.14 -0.54 5.47
N ARG A 62 -22.63 0.53 6.09
CA ARG A 62 -21.92 1.55 5.34
C ARG A 62 -20.66 0.98 4.69
N HIS A 63 -19.88 0.22 5.45
CA HIS A 63 -18.64 -0.33 4.93
C HIS A 63 -18.89 -1.26 3.74
N TYR A 64 -19.82 -2.21 3.88
CA TYR A 64 -20.08 -3.16 2.81
C TYR A 64 -20.72 -2.49 1.60
N ALA A 65 -21.56 -1.49 1.82
CA ALA A 65 -22.14 -0.75 0.70
C ALA A 65 -21.06 -0.12 -0.16
N ALA A 66 -20.02 0.42 0.47
CA ALA A 66 -18.93 1.03 -0.30
C ALA A 66 -18.06 -0.04 -0.95
N TYR A 67 -17.89 -1.18 -0.29
CA TYR A 67 -17.04 -2.23 -0.85
C TYR A 67 -17.75 -2.98 -1.98
N HIS A 68 -19.03 -3.32 -1.80
CA HIS A 68 -19.82 -3.91 -2.89
C HIS A 68 -19.78 -3.04 -4.12
N GLN A 69 -19.89 -1.71 -3.93
CA GLN A 69 -19.81 -0.81 -5.07
C GLN A 69 -18.41 -0.82 -5.69
N ARG A 70 -17.37 -0.86 -4.87
CA ARG A 70 -16.02 -0.95 -5.41
C ARG A 70 -15.83 -2.27 -6.17
N LEU A 71 -16.34 -3.36 -5.62
CA LEU A 71 -16.26 -4.64 -6.31
C LEU A 71 -17.09 -4.62 -7.59
N THR A 72 -18.28 -4.03 -7.53
CA THR A 72 -19.14 -3.97 -8.71
C THR A 72 -18.43 -3.31 -9.89
N GLU A 73 -17.88 -2.11 -9.68
CA GLU A 73 -17.28 -1.44 -10.84
C GLU A 73 -15.99 -2.12 -11.27
N LEU A 74 -15.35 -2.89 -10.38
CA LEU A 74 -14.20 -3.68 -10.81
C LEU A 74 -14.65 -4.89 -11.64
N LEU A 75 -15.54 -5.71 -11.08
CA LEU A 75 -15.86 -6.97 -11.77
C LEU A 75 -16.74 -6.77 -13.00
N GLN A 76 -17.52 -5.69 -13.07
CA GLN A 76 -18.41 -5.47 -14.21
C GLN A 76 -17.87 -4.46 -15.20
N SER A 77 -16.90 -3.63 -14.81
CA SER A 77 -16.43 -2.55 -15.66
C SER A 77 -14.94 -2.30 -15.57
N GLY A 78 -14.20 -3.12 -14.83
CA GLY A 78 -12.78 -2.90 -14.66
C GLY A 78 -11.97 -3.04 -15.93
N GLU A 79 -10.65 -3.05 -15.79
CA GLU A 79 -9.77 -3.23 -16.94
C GLU A 79 -9.75 -4.69 -17.35
N GLY A 80 -9.56 -4.93 -18.65
CA GLY A 80 -9.47 -6.27 -19.22
C GLY A 80 -10.79 -7.03 -19.19
N ASN A 81 -10.69 -8.36 -19.28
CA ASN A 81 -11.86 -9.23 -19.31
C ASN A 81 -12.21 -9.68 -17.90
N TYR A 82 -13.19 -10.60 -17.81
CA TYR A 82 -13.66 -11.06 -16.51
C TYR A 82 -12.55 -11.75 -15.74
N ARG A 83 -11.71 -12.50 -16.44
CA ARG A 83 -10.60 -13.16 -15.74
C ARG A 83 -9.64 -12.14 -15.15
N ASP A 84 -9.28 -11.09 -15.89
CA ASP A 84 -8.33 -10.11 -15.37
C ASP A 84 -8.87 -9.45 -14.11
N ARG A 85 -10.15 -9.08 -14.14
CA ARG A 85 -10.81 -8.47 -13.00
C ARG A 85 -10.77 -9.39 -11.77
N ILE A 86 -11.01 -10.69 -11.97
CA ILE A 86 -10.97 -11.63 -10.85
C ILE A 86 -9.57 -11.69 -10.25
N LEU A 87 -8.54 -11.68 -11.10
CA LEU A 87 -7.18 -11.64 -10.57
C LEU A 87 -6.91 -10.34 -9.84
N ALA A 88 -7.49 -9.22 -10.31
CA ALA A 88 -7.23 -7.95 -9.66
C ALA A 88 -7.89 -7.89 -8.28
N TYR A 89 -9.03 -8.57 -8.12
CA TYR A 89 -9.69 -8.71 -6.83
C TYR A 89 -8.72 -9.19 -5.77
N TYR A 90 -7.80 -10.08 -6.14
CA TYR A 90 -6.70 -10.42 -5.24
C TYR A 90 -5.59 -9.38 -5.31
N GLN A 91 -5.29 -8.90 -6.51
CA GLN A 91 -4.06 -8.14 -6.75
C GLN A 91 -4.00 -6.86 -5.89
N GLN A 92 -5.11 -6.13 -5.83
CA GLN A 92 -5.17 -4.87 -5.11
C GLN A 92 -5.13 -5.01 -3.59
N THR A 93 -4.95 -6.20 -3.04
CA THR A 93 -4.89 -6.36 -1.59
C THR A 93 -3.48 -6.64 -1.07
N LEU A 94 -2.47 -6.70 -1.93
CA LEU A 94 -1.12 -6.99 -1.45
C LEU A 94 -0.53 -5.84 -0.63
N ASN A 95 -0.96 -4.60 -0.84
CA ASN A 95 -0.33 -3.45 -0.21
C ASN A 95 -0.76 -3.35 1.25
N GLN A 96 0.21 -3.26 2.16
CA GLN A 96 -0.07 -3.14 3.59
C GLN A 96 0.50 -1.85 4.17
N PHE A 97 0.66 -0.80 3.36
CA PHE A 97 1.27 0.44 3.80
C PHE A 97 0.45 1.63 3.31
N SER A 98 0.29 2.63 4.17
CA SER A 98 -0.47 3.83 3.84
C SER A 98 -1.91 3.50 3.45
N GLN A 99 -2.73 3.18 4.47
CA GLN A 99 -4.11 2.77 4.29
C GLN A 99 -5.01 3.58 5.22
N HIS A 100 -6.25 3.78 4.80
CA HIS A 100 -7.24 4.48 5.62
C HIS A 100 -8.62 4.29 4.99
N GLY A 101 -9.64 4.54 5.81
CA GLY A 101 -11.00 4.67 5.32
C GLY A 101 -11.54 3.41 4.66
N THR A 102 -12.55 3.62 3.82
CA THR A 102 -13.25 2.49 3.20
C THR A 102 -12.32 1.71 2.27
N SER A 103 -11.27 2.34 1.76
CA SER A 103 -10.40 1.69 0.78
C SER A 103 -9.25 0.93 1.40
N ALA A 104 -9.06 1.01 2.71
CA ALA A 104 -7.91 0.36 3.35
C ALA A 104 -7.95 -1.15 3.15
N GLY A 105 -6.81 -1.72 2.73
CA GLY A 105 -6.72 -3.14 2.44
C GLY A 105 -7.28 -3.55 1.09
N TYR A 106 -7.80 -2.61 0.30
CA TYR A 106 -8.43 -2.90 -0.99
C TYR A 106 -7.70 -2.30 -2.19
N ASN A 107 -6.74 -1.39 -2.00
CA ASN A 107 -6.07 -0.84 -3.17
C ASN A 107 -4.61 -0.53 -2.87
N SER A 108 -3.79 -0.71 -3.91
CA SER A 108 -2.43 -0.21 -3.88
C SER A 108 -2.43 1.32 -3.88
N ASP A 109 -1.23 1.88 -3.73
CA ASP A 109 -1.03 3.33 -3.65
C ASP A 109 -0.38 3.77 -4.97
N ASN A 110 -1.10 4.56 -5.76
CA ASN A 110 -0.67 4.91 -7.10
C ASN A 110 -0.05 6.29 -7.09
N VAL A 111 1.18 6.39 -7.60
CA VAL A 111 1.96 7.62 -7.63
C VAL A 111 2.10 8.06 -9.07
N TYR A 112 1.52 9.22 -9.41
CA TYR A 112 1.47 9.66 -10.80
C TYR A 112 2.79 10.30 -11.21
N ILE A 113 3.46 9.70 -12.20
CA ILE A 113 4.75 10.16 -12.69
C ILE A 113 4.52 11.08 -13.89
N MET A 114 5.30 12.17 -13.95
CA MET A 114 5.13 13.20 -14.97
C MET A 114 6.48 13.71 -15.40
N ALA A 115 6.60 14.02 -16.69
CA ALA A 115 7.83 14.58 -17.19
C ALA A 115 8.01 16.02 -16.73
N ASP A 116 9.24 16.38 -16.40
CA ASP A 116 9.63 17.74 -16.05
C ASP A 116 10.69 18.19 -17.06
N LYS A 117 10.26 18.49 -18.30
CA LYS A 117 11.21 18.72 -19.38
C LYS A 117 12.16 19.87 -19.06
N GLN A 118 11.70 20.86 -18.29
CA GLN A 118 12.57 21.93 -17.81
C GLN A 118 13.81 21.39 -17.11
N LYS A 119 13.67 20.31 -16.36
CA LYS A 119 14.78 19.77 -15.59
C LYS A 119 15.35 18.51 -16.21
N ASN A 120 14.84 18.11 -17.36
CA ASN A 120 15.27 16.86 -18.00
C ASN A 120 15.04 15.67 -17.09
N GLY A 121 14.04 15.75 -16.22
CA GLY A 121 13.75 14.65 -15.34
C GLY A 121 12.26 14.43 -15.17
N ILE A 122 11.83 14.09 -13.96
CA ILE A 122 10.44 13.82 -13.66
C ILE A 122 10.07 14.43 -12.32
N LYS A 123 8.78 14.69 -12.15
CA LYS A 123 8.23 15.12 -10.87
C LYS A 123 7.02 14.26 -10.51
N ALA A 124 6.68 14.27 -9.22
CA ALA A 124 5.49 13.62 -8.69
C ALA A 124 5.06 14.32 -7.42
N ASN A 125 3.77 14.23 -7.13
CA ASN A 125 3.22 14.66 -5.86
C ASN A 125 2.09 13.70 -5.47
N PHE A 126 2.11 13.26 -4.22
CA PHE A 126 1.17 12.26 -3.73
C PHE A 126 1.10 12.37 -2.21
N LYS A 127 0.06 11.75 -1.66
CA LYS A 127 -0.24 11.80 -0.23
C LYS A 127 -0.01 10.41 0.37
N ILE A 128 0.75 10.35 1.45
CA ILE A 128 0.94 9.14 2.25
C ILE A 128 0.14 9.31 3.55
N ARG A 129 -0.52 8.24 3.99
CA ARG A 129 -1.41 8.32 5.15
C ARG A 129 -0.92 7.33 6.20
N HIS A 130 -0.45 7.85 7.32
CA HIS A 130 0.01 7.02 8.42
C HIS A 130 -1.12 6.90 9.42
N ASN A 131 -1.19 5.75 10.09
CA ASN A 131 -2.24 5.53 11.07
C ASN A 131 -1.74 5.92 12.46
N VAL A 132 -2.38 6.90 13.07
CA VAL A 132 -2.09 7.26 14.45
C VAL A 132 -2.75 6.24 15.37
N GLU A 133 -2.08 5.90 16.46
CA GLU A 133 -2.61 4.83 17.30
C GLU A 133 -3.93 5.18 17.95
N ASP A 134 -4.30 6.46 17.98
CA ASP A 134 -5.60 6.88 18.50
C ASP A 134 -6.72 6.78 17.47
N GLY A 135 -6.46 6.30 16.25
CA GLY A 135 -7.47 6.19 15.23
C GLY A 135 -7.55 7.34 14.23
N SER A 136 -6.85 8.45 14.47
CA SER A 136 -6.82 9.52 13.48
C SER A 136 -5.72 9.20 12.48
N VAL A 137 -5.58 10.01 11.44
CA VAL A 137 -4.64 9.70 10.36
C VAL A 137 -3.68 10.85 10.17
N GLN A 138 -2.38 10.52 10.09
CA GLN A 138 -1.30 11.49 9.85
C GLN A 138 -1.03 11.58 8.35
N LEU A 139 -1.47 12.67 7.74
CA LEU A 139 -1.21 12.90 6.33
C LEU A 139 0.22 13.40 6.13
N ALA A 140 0.87 12.91 5.06
CA ALA A 140 2.22 13.28 4.69
C ALA A 140 2.23 13.61 3.20
N ASP A 141 2.30 14.91 2.88
CA ASP A 141 2.27 15.41 1.51
C ASP A 141 3.67 15.38 0.90
N HIS A 142 3.83 14.56 -0.16
CA HIS A 142 5.11 14.38 -0.85
C HIS A 142 5.12 15.23 -2.11
N TYR A 143 6.21 15.98 -2.29
CA TYR A 143 6.51 16.73 -3.50
C TYR A 143 7.90 16.32 -3.91
N GLN A 144 8.02 15.77 -5.10
CA GLN A 144 9.20 15.03 -5.51
C GLN A 144 9.70 15.54 -6.86
N GLN A 145 11.01 15.68 -6.97
CA GLN A 145 11.70 15.98 -8.23
C GLN A 145 12.84 15.02 -8.39
N ASN A 146 13.03 14.53 -9.62
CA ASN A 146 14.11 13.62 -9.95
C ASN A 146 14.85 14.18 -11.15
N THR A 147 16.18 14.21 -11.10
CA THR A 147 16.98 14.82 -12.17
C THR A 147 18.22 13.96 -12.45
N PRO A 148 18.52 13.68 -13.71
CA PRO A 148 19.66 12.80 -14.01
C PRO A 148 20.94 13.41 -13.48
N ILE A 149 21.83 12.55 -12.99
CA ILE A 149 23.15 12.98 -12.61
C ILE A 149 24.03 13.15 -13.85
N GLY A 150 23.95 12.22 -14.78
CA GLY A 150 24.81 12.21 -15.95
C GLY A 150 24.30 13.10 -17.06
N ASP A 151 25.10 13.18 -18.13
CA ASP A 151 24.74 13.98 -19.29
C ASP A 151 24.12 13.17 -20.42
N GLY A 152 24.27 11.84 -20.39
CA GLY A 152 23.71 10.99 -21.42
C GLY A 152 22.24 11.25 -21.61
N PRO A 153 21.69 10.90 -22.77
CA PRO A 153 20.26 11.11 -23.00
C PRO A 153 19.44 10.21 -22.09
N VAL A 154 18.33 10.74 -21.59
CA VAL A 154 17.41 9.99 -20.75
C VAL A 154 16.04 9.97 -21.42
N LEU A 155 15.32 8.87 -21.20
CA LEU A 155 13.92 8.76 -21.60
C LEU A 155 13.06 9.67 -20.75
N LEU A 156 12.33 10.60 -21.39
CA LEU A 156 11.38 11.45 -20.69
C LEU A 156 9.98 10.90 -20.91
N PRO A 157 9.27 10.46 -19.88
CA PRO A 157 8.06 9.66 -20.08
C PRO A 157 6.82 10.50 -20.29
N ASP A 158 5.84 9.87 -20.93
CA ASP A 158 4.48 10.35 -20.89
C ASP A 158 3.86 10.03 -19.54
N ASN A 159 2.78 10.75 -19.22
CA ASN A 159 2.14 10.61 -17.91
C ASN A 159 1.77 9.16 -17.66
N HIS A 160 2.13 8.66 -16.48
CA HIS A 160 1.73 7.34 -16.04
C HIS A 160 1.75 7.34 -14.51
N TYR A 161 1.66 6.17 -13.91
CA TYR A 161 1.78 6.06 -12.47
C TYR A 161 2.52 4.78 -12.14
N LEU A 162 3.03 4.74 -10.91
CA LEU A 162 3.64 3.56 -10.32
C LEU A 162 2.75 3.06 -9.20
N SER A 163 2.36 1.79 -9.27
CA SER A 163 1.58 1.16 -8.23
C SER A 163 2.53 0.62 -7.17
N PHE A 164 2.42 1.13 -5.96
CA PHE A 164 3.26 0.72 -4.85
C PHE A 164 2.46 -0.21 -3.95
N GLN A 165 3.10 -1.30 -3.52
CA GLN A 165 2.52 -2.25 -2.59
C GLN A 165 3.63 -2.60 -1.63
N SER A 166 3.44 -2.32 -0.35
CA SER A 166 4.54 -2.45 0.58
C SER A 166 4.06 -3.12 1.85
N VAL A 167 5.01 -3.78 2.51
CA VAL A 167 4.77 -4.35 3.83
C VAL A 167 6.05 -4.17 4.64
N LEU A 168 5.87 -3.82 5.91
CA LEU A 168 6.96 -3.62 6.85
C LEU A 168 6.96 -4.78 7.85
N SER A 169 8.13 -5.34 8.11
CA SER A 169 8.22 -6.42 9.08
C SER A 169 9.43 -6.18 9.98
N LYS A 170 9.80 -7.21 10.75
CA LYS A 170 10.92 -7.20 11.67
C LYS A 170 11.66 -8.55 11.59
N ASP A 171 12.98 -8.47 11.59
CA ASP A 171 13.85 -9.63 11.80
C ASP A 171 13.79 -10.07 13.27
N PRO A 172 13.27 -11.27 13.58
CA PRO A 172 13.15 -11.69 15.00
C PRO A 172 14.48 -11.90 15.71
N ASN A 173 15.61 -11.92 14.99
CA ASN A 173 16.91 -12.05 15.61
C ASN A 173 17.65 -10.72 15.72
N GLU A 174 17.04 -9.63 15.27
CA GLU A 174 17.75 -8.35 15.21
C GLU A 174 17.49 -7.58 16.50
N LYS A 175 18.57 -7.27 17.22
CA LYS A 175 18.46 -6.53 18.48
C LYS A 175 18.29 -5.03 18.24
N ARG A 176 18.96 -4.51 17.22
CA ARG A 176 18.98 -3.08 16.96
C ARG A 176 17.62 -2.58 16.43
N ASP A 177 17.38 -1.27 16.63
CA ASP A 177 16.26 -0.60 15.97
C ASP A 177 16.40 -0.78 14.46
N HIS A 178 15.38 -1.35 13.81
CA HIS A 178 15.53 -1.73 12.41
C HIS A 178 14.16 -1.84 11.75
N MET A 179 14.18 -1.89 10.42
CA MET A 179 12.98 -2.11 9.63
C MET A 179 13.29 -3.06 8.48
N VAL A 180 12.42 -4.05 8.27
CA VAL A 180 12.42 -4.86 7.06
C VAL A 180 11.35 -4.30 6.14
N LEU A 181 11.73 -4.00 4.91
CA LEU A 181 10.82 -3.37 3.97
C LEU A 181 10.79 -4.17 2.67
N LEU A 182 9.59 -4.52 2.23
CA LEU A 182 9.36 -5.23 0.97
C LEU A 182 8.40 -4.42 0.13
N GLU A 183 8.75 -4.19 -1.13
CA GLU A 183 7.87 -3.45 -2.03
C GLU A 183 7.68 -4.23 -3.32
N PHE A 184 6.47 -4.14 -3.87
CA PHE A 184 6.15 -4.50 -5.24
C PHE A 184 5.67 -3.25 -5.95
N VAL A 185 6.35 -2.88 -7.02
CA VAL A 185 6.12 -1.60 -7.68
C VAL A 185 5.96 -1.88 -9.17
N THR A 186 4.86 -1.41 -9.76
CA THR A 186 4.53 -1.69 -11.15
C THR A 186 4.06 -0.42 -11.84
N ALA A 187 4.62 -0.13 -13.00
CA ALA A 187 4.15 0.97 -13.81
C ALA A 187 2.90 0.56 -14.59
N ALA A 188 2.02 1.53 -14.83
CA ALA A 188 0.76 1.31 -15.51
C ALA A 188 0.22 2.66 -15.96
N GLY A 189 -0.87 2.62 -16.72
CA GLY A 189 -1.58 3.82 -17.13
C GLY A 189 -1.44 4.21 -18.58
N ILE A 190 -0.66 3.47 -19.37
CA ILE A 190 -0.54 3.69 -20.81
C ILE A 190 -1.05 2.44 -21.50
N THR A 191 -2.03 2.61 -22.38
CA THR A 191 -2.74 1.45 -22.95
C THR A 191 -1.92 0.74 -24.02
N LEU A 192 -1.68 1.40 -25.14
CA LEU A 192 -1.06 0.74 -26.28
C LEU A 192 -0.05 1.65 -26.96
N GLY A 208 13.84 0.33 -25.27
CA GLY A 208 14.33 0.70 -23.96
C GLY A 208 15.59 1.57 -23.94
N SER A 209 16.60 1.12 -23.20
CA SER A 209 17.83 1.86 -23.03
C SER A 209 18.93 0.90 -22.58
N LYS A 210 20.18 1.40 -22.63
CA LYS A 210 21.31 0.63 -22.10
C LYS A 210 21.20 0.46 -20.59
N GLY A 211 20.77 1.50 -19.87
CA GLY A 211 20.57 1.39 -18.44
C GLY A 211 19.64 0.23 -18.05
N GLU A 212 18.58 0.02 -18.85
CA GLU A 212 17.64 -1.06 -18.59
C GLU A 212 18.34 -2.41 -18.44
N GLU A 213 19.47 -2.59 -19.12
CA GLU A 213 20.16 -3.87 -19.14
C GLU A 213 20.87 -4.20 -17.84
N LEU A 214 21.16 -3.20 -17.00
CA LEU A 214 21.78 -3.46 -15.70
C LEU A 214 20.79 -4.06 -14.70
N PHE A 215 19.51 -4.11 -15.05
CA PHE A 215 18.47 -4.57 -14.13
C PHE A 215 17.80 -5.86 -14.61
N THR A 216 18.43 -6.59 -15.54
CA THR A 216 17.83 -7.83 -16.00
C THR A 216 17.86 -8.93 -14.95
N GLY A 217 18.75 -8.83 -13.96
CA GLY A 217 18.85 -9.81 -12.90
C GLY A 217 18.63 -9.25 -11.50
N VAL A 218 19.19 -9.92 -10.50
CA VAL A 218 19.06 -9.50 -9.10
C VAL A 218 20.26 -8.63 -8.75
N VAL A 219 19.99 -7.49 -8.14
CA VAL A 219 20.98 -6.43 -7.99
C VAL A 219 21.17 -6.14 -6.50
N PRO A 220 22.38 -6.24 -5.98
CA PRO A 220 22.62 -5.81 -4.60
C PRO A 220 22.27 -4.33 -4.42
N ILE A 221 21.78 -4.00 -3.23
CA ILE A 221 21.41 -2.63 -2.88
C ILE A 221 22.12 -2.23 -1.60
N LEU A 222 22.59 -0.99 -1.56
CA LEU A 222 23.05 -0.35 -0.34
C LEU A 222 22.32 0.98 -0.17
N VAL A 223 21.77 1.20 1.01
CA VAL A 223 21.10 2.44 1.38
C VAL A 223 21.87 3.06 2.55
N GLU A 224 22.06 4.38 2.49
CA GLU A 224 22.68 5.16 3.56
C GLU A 224 21.91 6.45 3.74
N LEU A 225 21.48 6.73 4.97
CA LEU A 225 20.75 7.95 5.28
C LEU A 225 21.41 8.66 6.46
N ASP A 226 21.76 9.92 6.28
CA ASP A 226 22.13 10.80 7.39
C ASP A 226 20.97 11.74 7.67
N GLY A 227 20.46 11.69 8.90
CA GLY A 227 19.25 12.41 9.24
C GLY A 227 19.50 13.43 10.34
N ASP A 228 18.70 14.50 10.32
CA ASP A 228 18.68 15.49 11.40
C ASP A 228 17.27 16.03 11.45
N VAL A 229 16.52 15.65 12.48
CA VAL A 229 15.13 16.07 12.67
C VAL A 229 15.05 16.85 13.98
N ASN A 230 14.87 18.16 13.87
CA ASN A 230 14.77 19.06 15.03
C ASN A 230 16.03 19.04 15.90
N GLY A 231 17.18 18.68 15.33
CA GLY A 231 18.40 18.56 16.10
C GLY A 231 18.72 17.16 16.56
N HIS A 232 17.79 16.22 16.42
CA HIS A 232 18.08 14.81 16.67
C HIS A 232 18.73 14.23 15.42
N LYS A 233 20.01 13.91 15.52
CA LYS A 233 20.73 13.33 14.41
C LYS A 233 20.56 11.82 14.43
N PHE A 234 20.70 11.21 13.27
CA PHE A 234 20.62 9.76 13.23
C PHE A 234 21.15 9.28 11.90
N SER A 235 21.61 8.03 11.88
CA SER A 235 22.12 7.38 10.68
C SER A 235 21.40 6.06 10.46
N VAL A 236 21.05 5.79 9.21
CA VAL A 236 20.36 4.57 8.86
C VAL A 236 21.17 3.91 7.75
N SER A 237 21.49 2.63 7.94
CA SER A 237 22.28 1.88 6.97
C SER A 237 21.55 0.59 6.63
N GLY A 238 21.33 0.35 5.33
CA GLY A 238 20.59 -0.81 4.90
C GLY A 238 21.25 -1.53 3.74
N GLU A 239 20.91 -2.81 3.59
CA GLU A 239 21.38 -3.60 2.47
C GLU A 239 20.25 -4.50 1.99
N GLY A 240 20.27 -4.83 0.70
CA GLY A 240 19.21 -5.67 0.16
C GLY A 240 19.37 -6.03 -1.29
N GLU A 241 18.25 -6.28 -1.96
CA GLU A 241 18.31 -6.66 -3.37
C GLU A 241 16.98 -6.31 -4.02
N GLY A 242 17.06 -5.91 -5.29
CA GLY A 242 15.88 -5.61 -6.06
C GLY A 242 15.89 -6.38 -7.36
N ASP A 243 14.68 -6.76 -7.81
CA ASP A 243 14.48 -7.59 -9.01
C ASP A 243 13.47 -6.87 -9.89
N ALA A 244 13.97 -6.03 -10.80
CA ALA A 244 13.10 -5.18 -11.61
C ALA A 244 12.19 -5.98 -12.54
N THR A 245 12.61 -7.17 -12.98
CA THR A 245 11.75 -7.94 -13.86
C THR A 245 10.44 -8.34 -13.16
N TYR A 246 10.45 -8.41 -11.82
CA TYR A 246 9.24 -8.65 -11.04
C TYR A 246 8.85 -7.44 -10.19
N GLY A 247 9.56 -6.32 -10.32
CA GLY A 247 9.22 -5.14 -9.54
C GLY A 247 9.38 -5.33 -8.05
N LYS A 248 10.33 -6.17 -7.63
CA LYS A 248 10.46 -6.59 -6.25
C LYS A 248 11.65 -5.88 -5.60
N LEU A 249 11.45 -5.47 -4.35
CA LEU A 249 12.48 -4.79 -3.58
C LEU A 249 12.47 -5.35 -2.17
N THR A 250 13.63 -5.81 -1.69
CA THR A 250 13.78 -6.31 -0.33
C THR A 250 14.90 -5.57 0.37
N LEU A 251 14.61 -4.95 1.51
CA LEU A 251 15.60 -4.18 2.27
C LEU A 251 15.48 -4.49 3.74
N LYS A 252 16.60 -4.51 4.43
CA LYS A 252 16.62 -4.44 5.89
C LYS A 252 17.46 -3.23 6.31
N LEU A 253 16.85 -2.31 7.04
CA LEU A 253 17.49 -1.05 7.39
C LEU A 253 17.67 -0.97 8.90
N ILE A 254 18.89 -0.65 9.34
CA ILE A 254 19.27 -0.58 10.74
C ILE A 254 19.58 0.87 11.10
N CYS A 255 19.03 1.33 12.22
CA CYS A 255 19.45 2.61 12.79
C CYS A 255 20.75 2.37 13.55
N THR A 256 21.86 2.90 13.04
CA THR A 256 23.19 2.58 13.56
C THR A 256 23.65 3.51 14.67
N THR A 257 22.80 4.43 15.14
CA THR A 257 23.18 5.40 16.16
C THR A 257 22.23 5.34 17.36
N GLY A 258 21.63 4.18 17.60
CA GLY A 258 20.71 4.04 18.70
C GLY A 258 19.25 3.95 18.27
N LYS A 259 18.35 4.51 19.07
CA LYS A 259 16.95 4.56 18.70
C LYS A 259 16.74 5.51 17.53
N LEU A 260 15.92 5.10 16.59
CA LEU A 260 15.48 6.01 15.54
C LEU A 260 14.60 7.05 16.20
N PRO A 261 14.90 8.34 16.06
CA PRO A 261 14.09 9.36 16.75
C PRO A 261 12.81 9.70 16.04
N VAL A 262 12.52 9.01 14.94
CA VAL A 262 11.25 9.17 14.22
C VAL A 262 10.66 7.78 13.98
N PRO A 263 9.36 7.70 13.68
CA PRO A 263 8.76 6.39 13.40
C PRO A 263 9.21 5.88 12.03
N TRP A 264 9.70 4.64 12.00
CA TRP A 264 10.11 3.98 10.75
C TRP A 264 9.14 4.17 9.59
N PRO A 265 7.81 4.11 9.77
CA PRO A 265 6.92 4.32 8.61
C PRO A 265 7.12 5.67 7.93
N THR A 266 7.57 6.69 8.67
CA THR A 266 7.72 8.01 8.08
C THR A 266 8.92 8.09 7.14
N LEU A 267 9.87 7.14 7.22
CA LEU A 267 11.02 7.11 6.33
C LEU A 267 10.86 6.15 5.16
N VAL A 268 9.70 5.47 5.05
CA VAL A 268 9.58 4.39 4.06
C VAL A 268 9.79 4.93 2.66
N THR A 269 9.10 6.01 2.31
CA THR A 269 9.23 6.55 0.97
C THR A 269 10.64 7.08 0.70
N THR A 270 11.36 7.53 1.74
CA THR A 270 12.72 8.05 1.53
C THR A 270 13.71 6.92 1.29
N LEU A 271 13.62 5.85 2.06
CA LEU A 271 14.50 4.70 1.95
C LEU A 271 14.16 3.84 0.75
N1 CR2 A 272 12.77 3.60 0.30
CA1 CR2 A 272 12.20 2.80 -0.81
C1 CR2 A 272 11.35 3.75 -1.60
N2 CR2 A 272 9.99 3.82 -1.57
N3 CR2 A 272 11.89 4.72 -2.38
C2 CR2 A 272 10.87 5.39 -2.88
O2 CR2 A 272 10.89 6.39 -3.68
CA2 CR2 A 272 9.65 4.84 -2.37
CA3 CR2 A 272 13.33 4.92 -2.59
C3 CR2 A 272 13.71 5.29 -3.99
O3 CR2 A 272 14.93 5.40 -4.22
CB2 CR2 A 272 8.28 5.31 -2.71
CG2 CR2 A 272 7.00 4.82 -2.19
CD1 CR2 A 272 6.90 3.82 -1.23
CD2 CR2 A 272 5.87 5.47 -2.67
CE1 CR2 A 272 5.62 3.47 -0.78
CE2 CR2 A 272 4.60 5.11 -2.23
CZ CR2 A 272 4.46 4.11 -1.29
OH CR2 A 272 3.20 3.80 -0.87
N LEU A 273 13.44 3.64 -4.39
CA LEU A 273 14.24 2.98 -5.42
C LEU A 273 13.35 2.65 -6.62
N LYS A 274 12.82 3.70 -7.25
CA LYS A 274 11.90 3.53 -8.36
C LYS A 274 12.56 2.88 -9.58
N CYS A 275 13.89 2.76 -9.61
CA CYS A 275 14.54 2.06 -10.71
C CYS A 275 14.17 0.58 -10.73
N PHE A 276 13.69 0.03 -9.62
CA PHE A 276 13.34 -1.37 -9.54
C PHE A 276 11.87 -1.63 -9.85
N ALA A 277 11.17 -0.63 -10.38
CA ALA A 277 9.80 -0.82 -10.82
C ALA A 277 9.72 -1.68 -12.08
N ARG A 278 8.69 -2.50 -12.18
CA ARG A 278 8.46 -3.32 -13.38
C ARG A 278 7.72 -2.47 -14.40
N TYR A 279 8.41 -2.07 -15.47
CA TYR A 279 7.76 -1.35 -16.55
C TYR A 279 7.36 -2.36 -17.61
N PRO A 280 6.06 -2.56 -17.90
CA PRO A 280 5.67 -3.59 -18.85
C PRO A 280 6.20 -3.27 -20.25
N ASP A 281 6.26 -4.31 -21.10
CA ASP A 281 6.96 -4.21 -22.38
C ASP A 281 6.53 -2.98 -23.18
N HIS A 282 5.22 -2.76 -23.30
CA HIS A 282 4.76 -1.62 -24.10
C HIS A 282 5.07 -0.26 -23.47
N MET A 283 5.64 -0.21 -22.26
CA MET A 283 5.93 1.05 -21.59
C MET A 283 7.43 1.28 -21.40
N LYS A 284 8.29 0.50 -22.05
CA LYS A 284 9.73 0.61 -21.77
C LYS A 284 10.31 1.96 -22.17
N GLN A 285 9.68 2.67 -23.11
CA GLN A 285 10.17 3.99 -23.50
C GLN A 285 9.92 5.04 -22.43
N HIS A 286 9.19 4.71 -21.37
CA HIS A 286 8.79 5.64 -20.33
C HIS A 286 9.50 5.39 -19.01
N ASP A 287 10.52 4.53 -19.00
CA ASP A 287 11.29 4.26 -17.78
C ASP A 287 12.46 5.24 -17.70
N PHE A 288 12.18 6.42 -17.14
CA PHE A 288 13.25 7.38 -16.89
C PHE A 288 14.31 6.82 -15.94
N PHE A 289 13.86 6.09 -14.91
CA PHE A 289 14.75 5.75 -13.79
C PHE A 289 15.85 4.78 -14.22
N LYS A 290 15.52 3.79 -15.04
CA LYS A 290 16.56 2.89 -15.53
C LYS A 290 17.43 3.54 -16.59
N SER A 291 16.86 4.49 -17.36
CA SER A 291 17.63 5.15 -18.41
C SER A 291 18.75 6.02 -17.87
N ALA A 292 18.56 6.64 -16.70
CA ALA A 292 19.58 7.52 -16.11
C ALA A 292 20.79 6.76 -15.58
N MET A 293 20.74 5.40 -15.56
CA MET A 293 21.76 4.52 -15.00
C MET A 293 22.79 4.14 -16.07
N PRO A 294 24.05 3.89 -15.68
CA PRO A 294 24.52 3.77 -14.30
C PRO A 294 24.87 5.08 -13.59
N GLU A 295 24.93 6.19 -14.33
CA GLU A 295 25.32 7.46 -13.71
C GLU A 295 24.34 7.87 -12.62
N GLY A 296 23.06 7.68 -12.85
CA GLY A 296 22.07 7.73 -11.79
C GLY A 296 21.22 8.98 -11.87
N TYR A 297 20.53 9.24 -10.76
CA TYR A 297 19.67 10.40 -10.70
C TYR A 297 19.61 10.92 -9.27
N VAL A 298 19.27 12.19 -9.15
CA VAL A 298 19.03 12.83 -7.87
C VAL A 298 17.53 12.79 -7.60
N GLN A 299 17.15 12.39 -6.39
CA GLN A 299 15.74 12.33 -5.99
C GLN A 299 15.56 13.23 -4.78
N GLU A 300 14.84 14.34 -4.97
CA GLU A 300 14.60 15.32 -3.92
C GLU A 300 13.13 15.31 -3.56
N ARG A 301 12.85 15.46 -2.27
CA ARG A 301 11.49 15.59 -1.77
C ARG A 301 11.42 16.69 -0.72
N THR A 302 10.27 17.32 -0.64
CA THR A 302 9.75 17.86 0.61
C THR A 302 8.54 17.02 1.00
N ILE A 303 8.47 16.65 2.27
CA ILE A 303 7.35 15.91 2.83
C ILE A 303 6.74 16.75 3.95
N PHE A 304 5.53 17.27 3.73
CA PHE A 304 4.81 18.10 4.68
C PHE A 304 3.89 17.21 5.53
N PHE A 305 4.19 17.10 6.82
CA PHE A 305 3.33 16.40 7.77
C PHE A 305 2.27 17.34 8.35
N LYS A 306 1.00 17.07 8.04
CA LYS A 306 -0.07 18.00 8.39
C LYS A 306 -0.09 18.27 9.90
N ASP A 307 -0.20 19.55 10.25
CA ASP A 307 -0.22 20.00 11.64
C ASP A 307 1.08 19.69 12.37
N ASP A 308 2.15 19.42 11.62
CA ASP A 308 3.45 19.11 12.22
C ASP A 308 4.52 19.63 11.26
N GLY A 309 5.74 19.12 11.38
CA GLY A 309 6.87 19.62 10.62
C GLY A 309 6.98 18.98 9.26
N ASN A 310 8.15 19.16 8.64
CA ASN A 310 8.40 18.68 7.30
C ASN A 310 9.80 18.10 7.21
N TYR A 311 9.95 17.11 6.31
CA TYR A 311 11.24 16.58 5.84
C TYR A 311 11.60 17.21 4.51
N LYS A 312 12.89 17.51 4.33
CA LYS A 312 13.47 17.75 3.01
C LYS A 312 14.57 16.73 2.83
N THR A 313 14.56 16.04 1.69
CA THR A 313 15.49 14.95 1.45
C THR A 313 16.19 15.16 0.11
N ARG A 314 17.42 14.69 0.04
CA ARG A 314 18.17 14.68 -1.21
C ARG A 314 18.90 13.35 -1.28
N ALA A 315 18.70 12.64 -2.38
CA ALA A 315 19.26 11.31 -2.53
C ALA A 315 19.92 11.19 -3.89
N GLU A 316 21.04 10.51 -3.92
CA GLU A 316 21.66 10.08 -5.16
C GLU A 316 21.45 8.57 -5.25
N VAL A 317 20.80 8.14 -6.32
CA VAL A 317 20.60 6.73 -6.64
C VAL A 317 21.48 6.45 -7.85
N LYS A 318 22.45 5.55 -7.67
CA LYS A 318 23.40 5.30 -8.74
C LYS A 318 24.12 3.99 -8.44
N PHE A 319 24.77 3.47 -9.47
CA PHE A 319 25.59 2.26 -9.35
C PHE A 319 26.98 2.62 -8.85
N GLU A 320 27.46 1.84 -7.88
CA GLU A 320 28.85 1.88 -7.43
C GLU A 320 29.36 0.45 -7.57
N GLY A 321 30.16 0.22 -8.61
CA GLY A 321 30.45 -1.16 -8.97
C GLY A 321 29.18 -1.83 -9.44
N ASP A 322 28.91 -3.02 -8.90
CA ASP A 322 27.71 -3.76 -9.26
C ASP A 322 26.54 -3.47 -8.33
N THR A 323 26.73 -2.63 -7.30
CA THR A 323 25.70 -2.36 -6.31
C THR A 323 24.96 -1.07 -6.65
N LEU A 324 23.64 -1.10 -6.50
CA LEU A 324 22.81 0.09 -6.61
C LEU A 324 22.74 0.75 -5.24
N VAL A 325 23.18 2.00 -5.16
CA VAL A 325 23.32 2.74 -3.91
C VAL A 325 22.28 3.85 -3.86
N ASN A 326 21.63 3.99 -2.71
CA ASN A 326 20.74 5.11 -2.43
C ASN A 326 21.37 5.83 -1.24
N ARG A 327 22.07 6.92 -1.49
CA ARG A 327 22.68 7.71 -0.43
C ARG A 327 21.85 8.97 -0.20
N ILE A 328 21.44 9.18 1.05
CA ILE A 328 20.41 10.16 1.39
C ILE A 328 20.87 11.04 2.54
N GLU A 329 20.57 12.34 2.45
CA GLU A 329 20.60 13.22 3.60
C GLU A 329 19.21 13.79 3.81
N LEU A 330 18.82 13.93 5.07
CA LEU A 330 17.47 14.30 5.42
C LEU A 330 17.51 15.39 6.48
N LYS A 331 16.65 16.39 6.34
CA LYS A 331 16.53 17.45 7.33
C LYS A 331 15.07 17.66 7.69
N GLY A 332 14.76 17.66 8.97
CA GLY A 332 13.41 17.93 9.38
C GLY A 332 13.37 19.13 10.29
N ILE A 333 12.50 20.10 9.99
CA ILE A 333 12.36 21.28 10.83
C ILE A 333 10.89 21.46 11.19
N GLY A 334 10.64 22.06 12.35
CA GLY A 334 9.30 22.45 12.70
C GLY A 334 8.41 21.36 13.27
N PHE A 335 8.99 20.32 13.84
CA PHE A 335 8.21 19.24 14.44
C PHE A 335 7.84 19.57 15.89
N LYS A 336 6.66 19.11 16.27
CA LYS A 336 6.26 19.15 17.68
C LYS A 336 6.93 17.99 18.41
N GLU A 337 7.65 18.33 19.50
CA GLU A 337 8.33 17.32 20.29
C GLU A 337 7.36 16.29 20.86
N ASP A 338 6.08 16.64 20.95
CA ASP A 338 5.04 15.73 21.44
C ASP A 338 4.01 15.39 20.37
N GLY A 339 4.32 15.64 19.10
CA GLY A 339 3.42 15.30 18.01
C GLY A 339 3.52 13.84 17.63
N ASN A 340 2.83 13.49 16.54
CA ASN A 340 2.77 12.09 16.12
C ASN A 340 4.12 11.54 15.69
N ILE A 341 5.05 12.40 15.27
CA ILE A 341 6.30 11.89 14.74
C ILE A 341 7.32 11.79 15.87
N LEU A 342 7.69 12.94 16.46
CA LEU A 342 8.66 12.93 17.55
C LEU A 342 8.13 12.19 18.79
N GLY A 343 6.81 12.14 18.96
CA GLY A 343 6.24 11.35 20.04
C GLY A 343 5.95 9.90 19.72
N HIS A 344 6.40 9.38 18.58
CA HIS A 344 6.18 7.99 18.19
C HIS A 344 4.74 7.52 18.45
N LYS A 345 3.77 8.23 17.85
CA LYS A 345 2.38 7.82 17.95
C LYS A 345 1.86 7.14 16.67
N LEU A 346 2.75 6.58 15.87
CA LEU A 346 2.35 6.01 14.58
C LEU A 346 2.45 4.50 14.61
N GLU A 347 1.40 3.84 14.14
CA GLU A 347 1.44 2.40 13.96
C GLU A 347 2.56 2.02 13.00
N TYR A 348 3.24 0.92 13.33
CA TYR A 348 4.24 0.35 12.45
C TYR A 348 3.61 -0.47 11.31
N ASN A 349 2.52 -1.20 11.59
CA ASN A 349 1.88 -2.10 10.63
C ASN A 349 0.67 -1.43 9.99
N GLY A 350 0.38 -1.83 8.75
CA GLY A 350 -0.91 -1.52 8.18
C GLY A 350 -2.03 -2.14 9.01
N THR A 351 -3.26 -1.71 8.71
CA THR A 351 -4.43 -2.30 9.35
C THR A 351 -5.03 -3.43 8.53
N GLY A 352 -4.85 -3.42 7.23
CA GLY A 352 -5.65 -4.32 6.45
C GLY A 352 -7.06 -3.80 6.37
N SER A 353 -7.95 -4.65 5.86
CA SER A 353 -9.31 -4.21 5.60
C SER A 353 -10.20 -4.48 6.81
N LEU A 354 -11.36 -3.82 6.82
CA LEU A 354 -12.32 -4.01 7.91
C LEU A 354 -13.00 -5.37 7.81
N THR A 355 -13.32 -5.79 6.58
CA THR A 355 -13.99 -7.06 6.40
C THR A 355 -13.15 -8.19 6.99
N VAL A 356 -11.83 -8.14 6.79
CA VAL A 356 -10.98 -9.16 7.39
C VAL A 356 -10.81 -8.92 8.89
N LYS A 357 -10.57 -7.67 9.29
CA LYS A 357 -10.43 -7.33 10.71
C LYS A 357 -11.65 -7.77 11.51
N LEU A 358 -12.85 -7.52 10.99
CA LEU A 358 -14.07 -7.85 11.71
C LEU A 358 -14.50 -9.30 11.50
N SER A 359 -14.24 -9.89 10.33
CA SER A 359 -14.40 -11.34 10.17
C SER A 359 -13.71 -12.07 11.32
N ALA A 360 -12.52 -11.62 11.66
CA ALA A 360 -11.79 -12.10 12.81
C ALA A 360 -12.58 -11.97 14.12
N GLU A 361 -13.60 -11.11 14.18
CA GLU A 361 -14.13 -10.72 15.48
C GLU A 361 -15.44 -11.41 15.84
N VAL A 362 -16.07 -12.13 14.91
CA VAL A 362 -17.31 -12.81 15.24
C VAL A 362 -17.07 -13.80 16.37
N SER A 363 -17.86 -13.67 17.43
CA SER A 363 -17.63 -14.35 18.69
C SER A 363 -18.47 -13.69 19.76
N ASP A 364 -18.11 -12.45 20.08
CA ASP A 364 -18.80 -11.61 21.06
C ASP A 364 -19.84 -10.72 20.42
N LEU A 365 -19.80 -10.54 19.10
CA LEU A 365 -20.69 -9.65 18.39
C LEU A 365 -22.16 -9.99 18.66
N SER A 366 -23.01 -8.99 18.51
CA SER A 366 -24.45 -9.20 18.61
C SER A 366 -24.96 -9.95 17.38
N GLU A 367 -26.17 -10.48 17.51
CA GLU A 367 -26.75 -11.24 16.40
C GLU A 367 -27.00 -10.32 15.22
N ASP A 368 -27.44 -9.09 15.47
CA ASP A 368 -27.72 -8.17 14.37
C ASP A 368 -26.46 -7.81 13.62
N MET A 369 -25.30 -7.92 14.27
CA MET A 369 -24.05 -7.64 13.59
C MET A 369 -23.42 -8.88 13.03
N ARG A 370 -23.66 -10.05 13.64
CA ARG A 370 -23.32 -11.30 12.99
C ARG A 370 -24.05 -11.41 11.65
N SER A 371 -25.33 -11.02 11.63
CA SER A 371 -26.09 -11.04 10.39
C SER A 371 -25.56 -10.02 9.39
N ALA A 372 -25.09 -8.87 9.89
CA ALA A 372 -24.58 -7.83 9.00
C ALA A 372 -23.32 -8.29 8.25
N MET A 373 -22.43 -9.03 8.91
CA MET A 373 -21.27 -9.56 8.17
C MET A 373 -21.70 -10.65 7.21
N ASP A 374 -22.59 -11.54 7.66
CA ASP A 374 -23.11 -12.59 6.79
C ASP A 374 -23.63 -11.98 5.50
N LYS A 375 -24.51 -10.98 5.58
CA LYS A 375 -25.02 -10.38 4.37
C LYS A 375 -23.95 -9.65 3.58
N GLY A 376 -22.97 -9.07 4.27
CA GLY A 376 -21.88 -8.41 3.57
C GLY A 376 -21.00 -9.40 2.84
N ALA A 377 -20.66 -10.51 3.49
CA ALA A 377 -19.84 -11.53 2.85
C ALA A 377 -20.57 -12.18 1.70
N ARG A 378 -21.89 -12.35 1.82
CA ARG A 378 -22.66 -12.98 0.75
C ARG A 378 -22.81 -12.06 -0.45
N GLY A 379 -22.97 -10.76 -0.22
CA GLY A 379 -22.97 -9.83 -1.34
C GLY A 379 -21.67 -9.87 -2.13
N VAL A 380 -20.55 -10.15 -1.45
CA VAL A 380 -19.26 -10.25 -2.14
C VAL A 380 -19.22 -11.53 -2.96
N ILE A 381 -19.56 -12.66 -2.34
CA ILE A 381 -19.61 -13.95 -3.03
C ILE A 381 -20.51 -13.88 -4.25
N ALA A 382 -21.68 -13.27 -4.11
CA ALA A 382 -22.58 -13.12 -5.25
C ALA A 382 -21.90 -12.36 -6.38
N LEU A 383 -21.13 -11.32 -6.04
CA LEU A 383 -20.40 -10.58 -7.07
C LEU A 383 -19.36 -11.47 -7.75
N LEU A 384 -18.62 -12.26 -6.97
CA LEU A 384 -17.64 -13.16 -7.58
C LEU A 384 -18.33 -14.20 -8.46
N SER A 385 -19.50 -14.68 -8.05
CA SER A 385 -20.23 -15.69 -8.81
C SER A 385 -20.69 -15.14 -10.16
N GLN A 386 -21.30 -13.95 -10.17
CA GLN A 386 -21.69 -13.34 -11.44
C GLN A 386 -20.49 -13.20 -12.37
N ALA A 387 -19.34 -12.76 -11.84
CA ALA A 387 -18.16 -12.60 -12.68
C ALA A 387 -17.74 -13.93 -13.29
N LEU A 388 -17.79 -15.00 -12.49
CA LEU A 388 -17.40 -16.31 -13.00
C LEU A 388 -18.38 -16.79 -14.06
N GLU A 389 -19.67 -16.56 -13.83
CA GLU A 389 -20.69 -16.96 -14.79
C GLU A 389 -20.58 -16.15 -16.07
N ASN A 390 -20.51 -14.82 -15.95
CA ASN A 390 -20.38 -13.96 -17.13
C ASN A 390 -19.12 -14.26 -17.92
N GLY A 391 -18.05 -14.67 -17.25
CA GLY A 391 -16.79 -14.92 -17.94
C GLY A 391 -16.83 -16.22 -18.70
N ARG A 392 -17.49 -17.21 -18.09
CA ARG A 392 -17.82 -18.44 -18.80
C ARG A 392 -18.58 -18.12 -20.08
N GLU A 393 -19.71 -17.43 -19.96
CA GLU A 393 -20.59 -17.21 -21.11
C GLU A 393 -19.92 -16.45 -22.23
N ASN A 394 -18.99 -15.53 -21.92
CA ASN A 394 -18.33 -14.78 -22.97
C ASN A 394 -16.93 -15.32 -23.27
N HIS A 395 -16.58 -16.50 -22.75
CA HIS A 395 -15.31 -17.18 -23.04
C HIS A 395 -14.09 -16.39 -22.57
N SER A 396 -14.22 -15.65 -21.46
CA SER A 396 -13.04 -15.05 -20.84
C SER A 396 -12.24 -16.08 -20.05
N LEU A 397 -12.91 -17.13 -19.57
CA LEU A 397 -12.34 -18.04 -18.58
C LEU A 397 -13.08 -19.37 -18.59
N THR A 398 -12.37 -20.42 -18.18
CA THR A 398 -12.95 -21.72 -17.87
C THR A 398 -12.46 -22.18 -16.51
N PHE A 399 -13.30 -22.95 -15.82
CA PHE A 399 -12.96 -23.52 -14.53
C PHE A 399 -13.85 -24.74 -14.29
N SER A 400 -13.34 -25.66 -13.49
CA SER A 400 -14.08 -26.83 -13.03
C SER A 400 -14.86 -26.49 -11.78
N GLY A 401 -16.20 -26.57 -11.86
CA GLY A 401 -17.11 -26.21 -10.81
C GLY A 401 -18.20 -25.29 -11.32
N GLU A 402 -19.02 -24.85 -10.39
CA GLU A 402 -20.12 -23.96 -10.67
C GLU A 402 -19.87 -22.59 -10.05
N PRO A 403 -20.50 -21.53 -10.57
CA PRO A 403 -20.16 -20.17 -10.11
C PRO A 403 -20.27 -19.96 -8.61
N LEU A 404 -21.42 -20.26 -7.99
CA LEU A 404 -21.62 -19.94 -6.59
C LEU A 404 -20.63 -20.68 -5.71
N GLN A 405 -20.45 -21.98 -5.93
CA GLN A 405 -19.49 -22.73 -5.13
C GLN A 405 -18.07 -22.25 -5.37
N GLN A 406 -17.74 -21.89 -6.60
CA GLN A 406 -16.40 -21.43 -6.91
C GLN A 406 -16.15 -20.04 -6.36
N ALA A 407 -17.18 -19.20 -6.42
CA ALA A 407 -17.12 -17.90 -5.77
C ALA A 407 -16.77 -18.03 -4.29
N GLN A 408 -17.39 -19.01 -3.61
CA GLN A 408 -17.14 -19.21 -2.18
C GLN A 408 -15.71 -19.64 -1.92
N VAL A 409 -15.17 -20.51 -2.78
CA VAL A 409 -13.79 -20.96 -2.66
C VAL A 409 -12.85 -19.78 -2.85
N LEU A 410 -13.17 -18.90 -3.80
CA LEU A 410 -12.33 -17.74 -4.08
C LEU A 410 -12.39 -16.76 -2.91
N TYR A 411 -13.58 -16.57 -2.34
CA TYR A 411 -13.71 -15.70 -1.17
C TYR A 411 -12.90 -16.24 0.00
N ALA A 412 -13.06 -17.53 0.29
CA ALA A 412 -12.34 -18.13 1.41
C ALA A 412 -10.83 -18.06 1.20
N LEU A 413 -10.37 -18.34 -0.02
CA LEU A 413 -8.94 -18.23 -0.30
C LEU A 413 -8.46 -16.80 -0.12
N TRP A 414 -9.25 -15.85 -0.62
CA TRP A 414 -8.92 -14.44 -0.46
C TRP A 414 -8.85 -14.05 1.01
N LEU A 415 -9.81 -14.53 1.82
CA LEU A 415 -9.84 -14.24 3.25
C LEU A 415 -8.62 -14.83 3.96
N GLY A 416 -8.39 -16.14 3.80
CA GLY A 416 -7.24 -16.77 4.43
C GLY A 416 -5.91 -16.18 3.99
N ALA A 417 -5.79 -15.84 2.70
CA ALA A 417 -4.50 -15.35 2.20
C ALA A 417 -4.18 -13.97 2.77
N ASN A 418 -5.16 -13.07 2.77
CA ASN A 418 -4.97 -11.75 3.34
C ASN A 418 -4.61 -11.85 4.82
N LEU A 419 -5.40 -12.62 5.57
CA LEU A 419 -5.14 -12.86 6.98
C LEU A 419 -3.73 -13.39 7.21
N GLN A 420 -3.35 -14.42 6.46
CA GLN A 420 -2.01 -14.99 6.63
C GLN A 420 -0.93 -14.06 6.09
N ALA A 421 -1.28 -13.14 5.19
CA ALA A 421 -0.33 -12.11 4.80
C ALA A 421 -0.12 -11.10 5.93
N LYS A 422 -1.15 -10.85 6.73
CA LYS A 422 -1.02 -9.94 7.87
CA LYS A 422 -1.02 -9.94 7.87
C LYS A 422 -0.20 -10.58 9.00
N ILE A 423 -0.48 -11.85 9.33
CA ILE A 423 0.32 -12.54 10.36
C ILE A 423 1.78 -12.56 9.96
N SER A 424 2.07 -13.00 8.74
CA SER A 424 3.46 -13.17 8.34
C SER A 424 4.12 -11.88 7.86
N ARG A 425 3.36 -10.81 7.68
CA ARG A 425 3.87 -9.54 7.16
C ARG A 425 4.71 -9.76 5.90
N SER A 426 4.10 -10.45 4.93
CA SER A 426 4.82 -10.93 3.76
C SER A 426 3.86 -11.02 2.58
N PHE A 427 4.43 -10.94 1.37
CA PHE A 427 3.61 -11.01 0.16
C PHE A 427 3.28 -12.44 -0.23
N GLU A 428 4.11 -13.41 0.19
CA GLU A 428 4.01 -14.81 -0.20
C GLU A 428 2.60 -15.38 -0.21
N PRO A 429 1.80 -15.29 0.85
CA PRO A 429 0.49 -15.96 0.82
C PRO A 429 -0.39 -15.47 -0.31
N LEU A 430 -0.37 -14.17 -0.59
CA LEU A 430 -1.20 -13.64 -1.67
C LEU A 430 -0.59 -13.95 -3.03
N GLU A 431 0.74 -14.07 -3.08
CA GLU A 431 1.37 -14.46 -4.34
C GLU A 431 1.01 -15.89 -4.69
N ASN A 432 1.18 -16.80 -3.73
CA ASN A 432 0.79 -18.18 -3.92
C ASN A 432 -0.70 -18.29 -4.23
N ALA A 433 -1.55 -17.58 -3.47
CA ALA A 433 -2.98 -17.64 -3.75
C ALA A 433 -3.30 -17.14 -5.16
N LEU A 434 -2.71 -16.02 -5.56
CA LEU A 434 -2.97 -15.49 -6.89
C LEU A 434 -2.45 -16.44 -7.97
N ALA A 435 -1.32 -17.10 -7.73
CA ALA A 435 -0.85 -18.09 -8.69
C ALA A 435 -1.84 -19.25 -8.79
N HIS A 436 -2.37 -19.68 -7.65
CA HIS A 436 -3.40 -20.71 -7.68
C HIS A 436 -4.59 -20.25 -8.53
N VAL A 437 -5.02 -19.00 -8.34
CA VAL A 437 -6.20 -18.53 -9.05
C VAL A 437 -5.97 -18.51 -10.57
N LYS A 438 -4.78 -18.07 -11.01
CA LYS A 438 -4.48 -18.09 -12.45
C LYS A 438 -4.60 -19.50 -13.01
N ASN A 439 -4.16 -20.49 -12.23
CA ASN A 439 -4.24 -21.88 -12.64
C ASN A 439 -5.68 -22.38 -12.75
N ILE A 440 -6.51 -22.15 -11.72
CA ILE A 440 -7.87 -22.72 -11.73
C ILE A 440 -8.89 -21.87 -12.48
N ILE A 441 -8.66 -20.57 -12.61
CA ILE A 441 -9.54 -19.74 -13.43
C ILE A 441 -8.76 -19.42 -14.70
N ALA A 442 -8.85 -20.32 -15.69
CA ALA A 442 -7.96 -20.32 -16.83
C ALA A 442 -8.55 -19.58 -18.02
N THR A 443 -7.67 -19.08 -18.89
CA THR A 443 -8.10 -18.54 -20.17
C THR A 443 -8.42 -19.70 -21.11
N PRO A 444 -9.57 -19.68 -21.79
CA PRO A 444 -9.94 -20.82 -22.64
C PRO A 444 -8.90 -21.11 -23.70
N ALA A 445 -8.81 -22.38 -24.06
CA ALA A 445 -7.93 -22.82 -25.13
C ALA A 445 -8.23 -22.09 -26.43
N VAL A 446 -7.18 -21.84 -27.20
CA VAL A 446 -7.35 -21.32 -28.56
C VAL A 446 -7.70 -22.49 -29.49
#